data_3TQR
#
_entry.id   3TQR
#
_cell.length_a   67.574
_cell.length_b   117.498
_cell.length_c   79.058
_cell.angle_alpha   90.000
_cell.angle_beta   90.000
_cell.angle_gamma   90.000
#
_symmetry.space_group_name_H-M   'C 2 2 21'
#
loop_
_entity.id
_entity.type
_entity.pdbx_description
1 polymer 'Phosphoribosylglycinamide formyltransferase'
2 non-polymer '2-[N-CYCLOHEXYLAMINO]ETHANE SULFONIC ACID'
3 non-polymer 'CHLORIDE ION'
4 water water
#
_entity_poly.entity_id   1
_entity_poly.type   'polypeptide(L)'
_entity_poly.pdbx_seq_one_letter_code
;(MSE)NREPLPIVVLISGNGTNLQAIIGAIQKGLAIEIRAVISNRADAYGLKRAQQADIPTHIIPHEEFPSRTDFESTLQ
KTIDHYDPKLIVLAGF(MSE)RKLGKAFVSHYSGR(MSE)INIHPSLLPKYTGLNTHERALAAGETEHGVSVHYVTEDLD
AGPLICQARLSITPQDTPETLKTRVHALEHIIYPEVLSWFAAGRLNYHNNQVFLDGKPLAKSGHAFP
;
_entity_poly.pdbx_strand_id   A
#
# COMPACT_ATOMS: atom_id res chain seq x y z
N GLU A 4 -17.66 -4.31 12.94
CA GLU A 4 -18.06 -4.70 11.59
C GLU A 4 -16.96 -4.32 10.60
N PRO A 5 -16.59 -5.25 9.72
CA PRO A 5 -15.33 -5.07 8.98
C PRO A 5 -15.44 -4.05 7.86
N LEU A 6 -14.42 -3.22 7.71
CA LEU A 6 -14.38 -2.26 6.63
C LEU A 6 -14.02 -3.03 5.34
N PRO A 7 -14.85 -2.90 4.29
CA PRO A 7 -14.56 -3.60 3.03
C PRO A 7 -13.52 -2.90 2.16
N ILE A 8 -12.53 -3.65 1.70
CA ILE A 8 -11.50 -3.11 0.83
C ILE A 8 -11.32 -3.98 -0.41
N VAL A 9 -10.62 -3.42 -1.38
CA VAL A 9 -10.13 -4.18 -2.53
C VAL A 9 -8.63 -3.99 -2.55
N VAL A 10 -7.87 -5.05 -2.82
CA VAL A 10 -6.41 -4.94 -2.87
C VAL A 10 -5.93 -5.08 -4.31
N LEU A 11 -5.03 -4.18 -4.71
CA LEU A 11 -4.42 -4.22 -6.05
C LEU A 11 -2.98 -4.71 -5.93
N ILE A 12 -2.59 -5.64 -6.79
CA ILE A 12 -1.25 -6.23 -6.78
C ILE A 12 -0.67 -6.36 -8.17
N SER A 13 0.64 -6.59 -8.24
CA SER A 13 1.30 -6.90 -9.51
C SER A 13 2.19 -8.15 -9.41
N GLY A 14 2.44 -8.60 -8.19
CA GLY A 14 3.46 -9.60 -7.97
C GLY A 14 3.26 -10.49 -6.75
N ASN A 15 4.32 -10.62 -5.97
CA ASN A 15 4.34 -11.58 -4.90
C ASN A 15 3.25 -11.29 -3.87
N GLY A 16 3.03 -10.01 -3.58
CA GLY A 16 1.94 -9.61 -2.70
C GLY A 16 2.15 -9.97 -1.24
N THR A 17 3.39 -9.82 -0.76
CA THR A 17 3.68 -10.13 0.64
C THR A 17 2.83 -9.30 1.62
N ASN A 18 2.57 -8.05 1.27
CA ASN A 18 1.73 -7.23 2.12
C ASN A 18 0.27 -7.66 2.14
N LEU A 19 -0.19 -8.24 1.03
CA LEU A 19 -1.51 -8.86 1.02
C LEU A 19 -1.57 -9.98 2.06
N GLN A 20 -0.50 -10.78 2.13
CA GLN A 20 -0.45 -11.87 3.10
C GLN A 20 -0.51 -11.33 4.52
N ALA A 21 0.20 -10.25 4.78
CA ALA A 21 0.20 -9.67 6.12
C ALA A 21 -1.21 -9.27 6.51
N ILE A 22 -1.94 -8.67 5.57
CA ILE A 22 -3.31 -8.25 5.86
C ILE A 22 -4.21 -9.48 6.12
N ILE A 23 -4.06 -10.51 5.28
CA ILE A 23 -4.80 -11.76 5.44
C ILE A 23 -4.56 -12.32 6.85
N GLY A 24 -3.30 -12.35 7.27
CA GLY A 24 -2.98 -12.85 8.60
C GLY A 24 -3.56 -12.00 9.72
N ALA A 25 -3.52 -10.68 9.55
CA ALA A 25 -4.02 -9.78 10.59
C ALA A 25 -5.54 -9.95 10.76
N ILE A 26 -6.23 -10.16 9.64
CA ILE A 26 -7.67 -10.38 9.68
C ILE A 26 -7.98 -11.64 10.48
N GLN A 27 -7.20 -12.70 10.25
CA GLN A 27 -7.34 -13.93 11.00
C GLN A 27 -7.19 -13.67 12.50
N LYS A 28 -6.36 -12.70 12.84
CA LYS A 28 -6.16 -12.34 14.24
C LYS A 28 -7.09 -11.23 14.74
N GLY A 29 -8.12 -10.88 13.96
CA GLY A 29 -9.13 -9.94 14.43
C GLY A 29 -9.19 -8.56 13.80
N LEU A 30 -8.30 -8.26 12.85
CA LEU A 30 -8.33 -6.95 12.18
C LEU A 30 -9.67 -6.80 11.47
N ALA A 31 -10.37 -5.70 11.74
CA ALA A 31 -11.73 -5.49 11.22
C ALA A 31 -11.73 -5.04 9.77
N ILE A 32 -11.22 -5.91 8.90
CA ILE A 32 -11.14 -5.62 7.47
C ILE A 32 -11.70 -6.83 6.73
N GLU A 33 -12.45 -6.56 5.68
CA GLU A 33 -12.87 -7.62 4.76
C GLU A 33 -12.24 -7.37 3.39
N ILE A 34 -11.41 -8.30 2.93
CA ILE A 34 -10.88 -8.19 1.59
C ILE A 34 -11.89 -8.76 0.62
N ARG A 35 -12.62 -7.90 -0.07
CA ARG A 35 -13.67 -8.35 -0.97
C ARG A 35 -13.13 -8.91 -2.27
N ALA A 36 -11.94 -8.45 -2.67
CA ALA A 36 -11.35 -8.90 -3.92
C ALA A 36 -9.88 -8.52 -4.01
N VAL A 37 -9.13 -9.32 -4.74
CA VAL A 37 -7.75 -8.98 -5.10
C VAL A 37 -7.64 -8.88 -6.61
N ILE A 38 -7.12 -7.76 -7.10
CA ILE A 38 -7.01 -7.53 -8.54
C ILE A 38 -5.54 -7.38 -8.91
N SER A 39 -5.11 -8.13 -9.93
CA SER A 39 -3.74 -8.07 -10.42
C SER A 39 -3.71 -7.67 -11.89
N ASN A 40 -2.73 -6.85 -12.28
CA ASN A 40 -2.55 -6.51 -13.69
C ASN A 40 -1.63 -7.50 -14.39
N ARG A 41 -1.17 -8.51 -13.65
CA ARG A 41 -0.33 -9.56 -14.22
C ARG A 41 -0.86 -10.95 -13.85
N ALA A 42 -1.02 -11.79 -14.86
CA ALA A 42 -1.49 -13.15 -14.66
C ALA A 42 -0.54 -14.01 -13.82
N ASP A 43 0.75 -13.68 -13.83
CA ASP A 43 1.75 -14.49 -13.13
C ASP A 43 2.05 -14.02 -11.69
N ALA A 44 1.21 -13.15 -11.15
CA ALA A 44 1.45 -12.63 -9.81
C ALA A 44 1.15 -13.71 -8.77
N TYR A 45 2.15 -14.04 -7.95
CA TYR A 45 1.98 -15.06 -6.94
C TYR A 45 0.90 -14.63 -5.93
N GLY A 46 0.77 -13.32 -5.74
CA GLY A 46 -0.28 -12.81 -4.88
C GLY A 46 -1.66 -13.33 -5.22
N LEU A 47 -1.90 -13.65 -6.50
CA LEU A 47 -3.16 -14.26 -6.89
C LEU A 47 -3.38 -15.58 -6.18
N LYS A 48 -2.32 -16.37 -6.04
CA LYS A 48 -2.37 -17.63 -5.32
C LYS A 48 -2.61 -17.44 -3.83
N ARG A 49 -1.96 -16.43 -3.23
CA ARG A 49 -2.20 -16.08 -1.82
C ARG A 49 -3.69 -15.79 -1.57
N ALA A 50 -4.28 -14.99 -2.44
CA ALA A 50 -5.70 -14.64 -2.32
C ALA A 50 -6.61 -15.87 -2.48
N GLN A 51 -6.37 -16.65 -3.53
CA GLN A 51 -7.16 -17.84 -3.80
C GLN A 51 -7.14 -18.77 -2.60
N GLN A 52 -5.97 -18.93 -1.99
CA GLN A 52 -5.82 -19.75 -0.80
C GLN A 52 -6.76 -19.27 0.31
N ALA A 53 -7.06 -17.96 0.33
CA ALA A 53 -7.93 -17.40 1.38
C ALA A 53 -9.38 -17.24 0.93
N ASP A 54 -9.71 -17.88 -0.18
CA ASP A 54 -11.06 -17.84 -0.78
C ASP A 54 -11.54 -16.43 -1.13
N ILE A 55 -10.60 -15.59 -1.55
CA ILE A 55 -10.88 -14.24 -2.02
C ILE A 55 -10.96 -14.23 -3.55
N PRO A 56 -12.05 -13.67 -4.11
CA PRO A 56 -12.17 -13.61 -5.56
C PRO A 56 -10.97 -12.87 -6.15
N THR A 57 -10.38 -13.39 -7.22
CA THR A 57 -9.29 -12.70 -7.92
C THR A 57 -9.68 -12.29 -9.33
N HIS A 58 -9.18 -11.13 -9.74
CA HIS A 58 -9.38 -10.64 -11.09
C HIS A 58 -8.06 -10.32 -11.74
N ILE A 59 -7.83 -10.87 -12.94
CA ILE A 59 -6.67 -10.50 -13.72
C ILE A 59 -7.09 -9.43 -14.73
N ILE A 60 -6.38 -8.30 -14.74
CA ILE A 60 -6.66 -7.25 -15.71
C ILE A 60 -5.33 -6.83 -16.34
N PRO A 61 -4.94 -7.53 -17.41
CA PRO A 61 -3.64 -7.36 -18.04
C PRO A 61 -3.60 -6.07 -18.85
N HIS A 62 -2.81 -5.11 -18.37
CA HIS A 62 -2.86 -3.76 -18.91
C HIS A 62 -2.54 -3.67 -20.41
N GLU A 63 -1.72 -4.59 -20.91
CA GLU A 63 -1.32 -4.56 -22.32
C GLU A 63 -2.44 -5.01 -23.25
N GLU A 64 -3.50 -5.58 -22.70
CA GLU A 64 -4.58 -6.13 -23.51
C GLU A 64 -5.63 -5.07 -23.80
N PHE A 65 -5.32 -3.84 -23.46
CA PHE A 65 -6.25 -2.73 -23.70
C PHE A 65 -5.67 -1.73 -24.70
N PRO A 66 -6.54 -1.15 -25.55
CA PRO A 66 -6.12 -0.20 -26.58
C PRO A 66 -5.35 0.99 -25.98
N SER A 67 -5.70 1.39 -24.76
CA SER A 67 -5.09 2.55 -24.14
C SER A 67 -5.10 2.45 -22.61
N ARG A 68 -4.33 3.31 -21.96
CA ARG A 68 -4.27 3.35 -20.51
C ARG A 68 -5.64 3.63 -19.88
N THR A 69 -6.47 4.44 -20.55
CA THR A 69 -7.78 4.77 -20.01
C THR A 69 -8.79 3.63 -20.11
N ASP A 70 -8.67 2.80 -21.14
CA ASP A 70 -9.51 1.62 -21.26
C ASP A 70 -9.19 0.65 -20.13
N PHE A 71 -7.89 0.38 -19.96
CA PHE A 71 -7.42 -0.44 -18.85
C PHE A 71 -7.97 0.11 -17.55
N GLU A 72 -7.78 1.40 -17.34
CA GLU A 72 -8.19 2.04 -16.09
C GLU A 72 -9.70 1.99 -15.91
N SER A 73 -10.44 2.04 -17.01
CA SER A 73 -11.89 1.97 -16.96
C SER A 73 -12.33 0.60 -16.43
N THR A 74 -11.76 -0.46 -17.00
CA THR A 74 -12.05 -1.83 -16.55
C THR A 74 -11.62 -2.03 -15.10
N LEU A 75 -10.44 -1.51 -14.75
CA LEU A 75 -9.97 -1.59 -13.37
C LEU A 75 -10.98 -0.97 -12.42
N GLN A 76 -11.35 0.28 -12.68
CA GLN A 76 -12.30 1.02 -11.85
C GLN A 76 -13.67 0.34 -11.73
N LYS A 77 -14.18 -0.19 -12.85
CA LYS A 77 -15.47 -0.88 -12.82
C LYS A 77 -15.39 -2.16 -11.99
N THR A 78 -14.26 -2.86 -12.10
CA THR A 78 -14.05 -4.10 -11.36
C THR A 78 -13.92 -3.82 -9.87
N ILE A 79 -13.16 -2.78 -9.54
CA ILE A 79 -13.07 -2.33 -8.15
C ILE A 79 -14.46 -1.99 -7.64
N ASP A 80 -15.14 -1.08 -8.34
CA ASP A 80 -16.40 -0.53 -7.85
C ASP A 80 -17.54 -1.55 -7.71
N HIS A 81 -17.43 -2.66 -8.41
CA HIS A 81 -18.40 -3.74 -8.28
C HIS A 81 -18.53 -4.19 -6.82
N TYR A 82 -17.44 -4.09 -6.08
CA TYR A 82 -17.38 -4.57 -4.70
C TYR A 82 -17.74 -3.50 -3.66
N ASP A 83 -18.02 -2.29 -4.12
CA ASP A 83 -18.32 -1.20 -3.21
C ASP A 83 -17.35 -1.12 -2.04
N PRO A 84 -16.03 -1.12 -2.31
CA PRO A 84 -15.10 -1.01 -1.20
C PRO A 84 -15.13 0.40 -0.59
N LYS A 85 -14.72 0.52 0.67
CA LYS A 85 -14.51 1.82 1.30
C LYS A 85 -13.07 2.28 1.12
N LEU A 86 -12.19 1.36 0.77
CA LEU A 86 -10.76 1.64 0.71
C LEU A 86 -10.09 0.77 -0.35
N ILE A 87 -9.24 1.39 -1.17
CA ILE A 87 -8.48 0.69 -2.19
C ILE A 87 -7.06 0.61 -1.68
N VAL A 88 -6.50 -0.58 -1.60
CA VAL A 88 -5.20 -0.77 -0.95
C VAL A 88 -4.20 -1.39 -1.89
N LEU A 89 -3.13 -0.64 -2.18
CA LEU A 89 -2.12 -1.13 -3.11
C LEU A 89 -1.06 -1.93 -2.35
N ALA A 90 -0.71 -3.08 -2.90
CA ALA A 90 0.25 -3.97 -2.28
C ALA A 90 1.18 -4.48 -3.38
N GLY A 91 2.21 -3.70 -3.68
CA GLY A 91 3.11 -4.09 -4.76
C GLY A 91 2.50 -3.90 -6.15
N PHE A 92 1.50 -3.02 -6.26
CA PHE A 92 0.90 -2.66 -7.55
C PHE A 92 1.81 -1.68 -8.29
N ARG A 94 1.77 -0.45 -11.70
CA ARG A 94 1.38 0.41 -12.82
C ARG A 94 1.11 1.81 -12.32
N LYS A 95 1.58 2.81 -13.05
CA LYS A 95 1.24 4.18 -12.73
C LYS A 95 -0.21 4.44 -13.14
N LEU A 96 -0.92 5.19 -12.32
CA LEU A 96 -2.34 5.44 -12.50
C LEU A 96 -2.57 6.89 -12.93
N GLY A 97 -3.48 7.09 -13.88
CA GLY A 97 -3.73 8.42 -14.43
C GLY A 97 -4.44 9.37 -13.48
N LYS A 98 -4.44 10.65 -13.82
CA LYS A 98 -5.05 11.67 -12.97
C LYS A 98 -6.51 11.37 -12.64
N ALA A 99 -7.28 10.98 -13.66
CA ALA A 99 -8.71 10.74 -13.49
C ALA A 99 -8.97 9.61 -12.51
N PHE A 100 -8.21 8.53 -12.65
CA PHE A 100 -8.36 7.37 -11.81
C PHE A 100 -8.07 7.72 -10.35
N VAL A 101 -6.95 8.41 -10.14
CA VAL A 101 -6.57 8.85 -8.79
C VAL A 101 -7.62 9.78 -8.16
N SER A 102 -8.25 10.64 -8.96
CA SER A 102 -9.34 11.49 -8.47
C SER A 102 -10.56 10.67 -8.05
N HIS A 103 -10.95 9.72 -8.88
CA HIS A 103 -12.09 8.89 -8.58
C HIS A 103 -11.97 8.27 -7.18
N TYR A 104 -10.74 8.01 -6.73
CA TYR A 104 -10.52 7.34 -5.46
C TYR A 104 -9.93 8.21 -4.37
N SER A 105 -10.00 9.52 -4.54
CA SER A 105 -9.34 10.45 -3.62
C SER A 105 -9.82 10.27 -2.18
N GLY A 106 -8.88 10.20 -1.24
CA GLY A 106 -9.21 9.98 0.15
C GLY A 106 -9.53 8.54 0.50
N ARG A 107 -9.55 7.67 -0.50
CA ARG A 107 -9.95 6.28 -0.35
C ARG A 107 -8.91 5.29 -0.88
N ILE A 109 -4.73 4.02 -0.86
CA ILE A 109 -3.46 4.13 -0.16
C ILE A 109 -2.43 3.15 -0.70
N ASN A 110 -1.17 3.38 -0.31
CA ASN A 110 -0.04 2.62 -0.78
C ASN A 110 1.00 2.53 0.34
N ILE A 111 1.83 1.50 0.28
CA ILE A 111 2.94 1.37 1.24
C ILE A 111 4.23 1.32 0.44
N HIS A 112 5.26 2.02 0.91
CA HIS A 112 6.50 2.14 0.15
C HIS A 112 7.69 1.95 1.08
N PRO A 113 8.63 1.08 0.69
CA PRO A 113 9.78 0.74 1.56
C PRO A 113 10.87 1.80 1.57
N SER A 114 10.54 3.06 1.84
CA SER A 114 11.55 4.06 2.19
C SER A 114 10.94 5.11 3.10
N LEU A 115 11.79 5.99 3.62
CA LEU A 115 11.33 7.18 4.33
C LEU A 115 11.04 8.30 3.31
N LEU A 116 9.85 8.27 2.73
CA LEU A 116 9.44 9.27 1.75
C LEU A 116 9.57 10.65 2.39
N PRO A 117 9.91 11.66 1.59
CA PRO A 117 10.01 11.68 0.11
C PRO A 117 11.30 11.11 -0.49
N LYS A 118 12.23 10.62 0.31
CA LYS A 118 13.44 10.02 -0.25
C LYS A 118 13.15 8.67 -0.92
N TYR A 119 13.96 8.34 -1.92
CA TYR A 119 13.94 7.01 -2.54
C TYR A 119 12.58 6.52 -3.05
N THR A 120 11.87 7.35 -3.79
CA THR A 120 10.77 6.85 -4.60
C THR A 120 11.38 5.87 -5.60
N GLY A 121 10.54 4.97 -6.12
CA GLY A 121 11.00 4.02 -7.10
C GLY A 121 11.52 2.72 -6.49
N LEU A 122 12.47 2.11 -7.16
CA LEU A 122 12.91 0.74 -6.85
C LEU A 122 14.25 0.70 -6.12
N ASN A 123 14.60 -0.48 -5.60
CA ASN A 123 15.92 -0.69 -4.98
C ASN A 123 16.23 0.33 -3.88
N THR A 124 15.23 0.61 -3.05
CA THR A 124 15.34 1.59 -1.99
C THR A 124 16.43 1.25 -0.98
N HIS A 125 16.54 -0.01 -0.60
CA HIS A 125 17.46 -0.40 0.46
C HIS A 125 18.90 -0.19 0.00
N GLU A 126 19.20 -0.60 -1.22
CA GLU A 126 20.55 -0.41 -1.73
C GLU A 126 20.87 1.06 -1.90
N ARG A 127 19.87 1.84 -2.31
CA ARG A 127 20.11 3.27 -2.52
C ARG A 127 20.32 4.00 -1.19
N ALA A 128 19.59 3.63 -0.14
CA ALA A 128 19.78 4.25 1.18
C ALA A 128 21.19 3.93 1.68
N LEU A 129 21.58 2.68 1.54
CA LEU A 129 22.92 2.26 1.90
C LEU A 129 23.98 3.02 1.11
N ALA A 130 23.83 3.06 -0.21
CA ALA A 130 24.80 3.74 -1.07
C ALA A 130 24.97 5.21 -0.72
N ALA A 131 23.91 5.85 -0.24
CA ALA A 131 23.97 7.27 0.10
C ALA A 131 24.53 7.50 1.50
N GLY A 132 24.82 6.41 2.21
CA GLY A 132 25.24 6.49 3.60
C GLY A 132 24.18 6.97 4.58
N GLU A 133 22.91 6.61 4.34
CA GLU A 133 21.87 6.97 5.31
C GLU A 133 22.15 6.23 6.62
N THR A 134 21.75 6.81 7.75
CA THR A 134 21.83 6.10 9.02
C THR A 134 20.46 5.61 9.47
N GLU A 135 19.41 6.06 8.79
CA GLU A 135 18.07 5.60 9.06
C GLU A 135 17.37 5.25 7.76
N HIS A 136 16.35 4.40 7.87
CA HIS A 136 15.63 3.89 6.70
C HIS A 136 14.33 3.30 7.26
N GLY A 137 13.40 2.93 6.39
CA GLY A 137 12.14 2.41 6.88
C GLY A 137 11.07 2.35 5.82
N VAL A 138 9.84 2.56 6.25
CA VAL A 138 8.68 2.38 5.38
C VAL A 138 7.68 3.49 5.60
N SER A 139 6.94 3.86 4.55
CA SER A 139 5.92 4.90 4.62
C SER A 139 4.59 4.41 4.06
N VAL A 140 3.49 4.78 4.71
CA VAL A 140 2.16 4.49 4.17
C VAL A 140 1.57 5.85 3.85
N HIS A 141 1.00 5.99 2.64
CA HIS A 141 0.50 7.28 2.19
C HIS A 141 -0.74 7.14 1.32
N TYR A 142 -1.48 8.25 1.17
CA TYR A 142 -2.53 8.35 0.16
C TYR A 142 -1.92 8.45 -1.23
N VAL A 143 -2.58 7.87 -2.22
CA VAL A 143 -2.07 7.89 -3.58
C VAL A 143 -2.47 9.20 -4.26
N THR A 144 -1.49 9.85 -4.90
CA THR A 144 -1.74 11.05 -5.71
C THR A 144 -1.34 10.82 -7.16
N ASP A 146 1.90 11.30 -8.91
CA ASP A 146 3.34 11.29 -8.68
C ASP A 146 3.86 9.98 -8.08
N LEU A 147 4.92 9.45 -8.68
CA LEU A 147 5.55 8.20 -8.26
C LEU A 147 5.75 8.15 -6.75
N ASP A 148 5.20 7.12 -6.12
CA ASP A 148 5.35 6.90 -4.68
C ASP A 148 5.31 8.21 -3.88
N ALA A 149 4.25 8.99 -4.07
CA ALA A 149 4.10 10.27 -3.37
C ALA A 149 2.66 10.55 -2.96
N GLY A 150 2.52 11.30 -1.87
CA GLY A 150 1.23 11.70 -1.36
C GLY A 150 1.29 11.99 0.12
N PRO A 151 0.22 12.60 0.66
CA PRO A 151 0.14 12.89 2.10
C PRO A 151 0.45 11.63 2.91
N LEU A 152 1.38 11.73 3.87
CA LEU A 152 1.80 10.58 4.65
C LEU A 152 0.86 10.29 5.82
N ILE A 153 0.56 9.00 6.00
CA ILE A 153 -0.26 8.53 7.13
C ILE A 153 0.62 8.03 8.27
N CYS A 154 1.64 7.25 7.93
CA CYS A 154 2.48 6.60 8.94
C CYS A 154 3.86 6.37 8.36
N GLN A 155 4.89 6.50 9.20
CA GLN A 155 6.24 6.22 8.78
C GLN A 155 6.93 5.51 9.93
N ALA A 156 7.52 4.35 9.64
CA ALA A 156 8.23 3.61 10.67
C ALA A 156 9.69 3.56 10.27
N ARG A 157 10.58 3.84 11.21
CA ARG A 157 12.00 3.89 10.86
C ARG A 157 12.85 2.94 11.69
N LEU A 158 14.01 2.59 11.16
CA LEU A 158 14.97 1.79 11.89
C LEU A 158 16.35 2.31 11.58
N SER A 159 17.36 1.79 12.28
CA SER A 159 18.75 2.17 12.08
C SER A 159 19.46 1.27 11.10
N ILE A 160 20.28 1.90 10.27
CA ILE A 160 21.27 1.19 9.45
C ILE A 160 22.56 1.15 10.24
N THR A 161 23.09 -0.05 10.44
CA THR A 161 24.32 -0.26 11.21
C THR A 161 25.39 -0.85 10.28
N PRO A 162 26.65 -0.89 10.75
CA PRO A 162 27.76 -1.28 9.86
C PRO A 162 27.60 -2.66 9.20
N GLN A 163 26.98 -3.62 9.87
CA GLN A 163 26.84 -4.95 9.29
C GLN A 163 25.64 -5.08 8.33
N ASP A 164 24.76 -4.09 8.28
CA ASP A 164 23.62 -4.16 7.36
C ASP A 164 24.07 -4.25 5.91
N THR A 165 23.30 -4.99 5.12
CA THR A 165 23.50 -5.07 3.68
C THR A 165 22.15 -4.74 3.05
N PRO A 166 22.06 -4.69 1.71
CA PRO A 166 20.74 -4.43 1.15
C PRO A 166 19.73 -5.51 1.53
N GLU A 167 20.21 -6.75 1.68
CA GLU A 167 19.33 -7.87 2.04
C GLU A 167 18.84 -7.80 3.49
N THR A 168 19.71 -7.47 4.44
CA THR A 168 19.25 -7.32 5.82
C THR A 168 18.24 -6.18 5.93
N LEU A 169 18.47 -5.09 5.23
CA LEU A 169 17.55 -3.96 5.28
C LEU A 169 16.20 -4.34 4.68
N LYS A 170 16.22 -4.98 3.51
CA LYS A 170 14.97 -5.37 2.88
C LYS A 170 14.15 -6.24 3.85
N THR A 171 14.81 -7.20 4.50
CA THR A 171 14.09 -8.09 5.41
C THR A 171 13.61 -7.35 6.67
N ARG A 172 14.46 -6.50 7.25
CA ARG A 172 14.04 -5.76 8.46
C ARG A 172 12.89 -4.79 8.14
N VAL A 173 12.98 -4.15 6.98
CA VAL A 173 11.92 -3.23 6.56
C VAL A 173 10.65 -4.00 6.23
N HIS A 174 10.81 -5.21 5.71
CA HIS A 174 9.66 -6.07 5.44
C HIS A 174 8.90 -6.34 6.76
N ALA A 175 9.62 -6.59 7.85
CA ALA A 175 8.95 -6.68 9.15
C ALA A 175 8.15 -5.43 9.49
N LEU A 176 8.71 -4.26 9.27
CA LEU A 176 7.99 -3.01 9.52
C LEU A 176 6.75 -2.86 8.63
N GLU A 177 6.85 -3.29 7.37
CA GLU A 177 5.68 -3.28 6.49
C GLU A 177 4.56 -4.13 7.06
N HIS A 178 4.90 -5.32 7.52
CA HIS A 178 3.91 -6.27 8.01
C HIS A 178 3.25 -5.79 9.30
N ILE A 179 3.97 -4.98 10.05
CA ILE A 179 3.41 -4.33 11.23
C ILE A 179 2.54 -3.13 10.87
N ILE A 180 3.06 -2.19 10.08
CA ILE A 180 2.35 -0.93 9.99
C ILE A 180 1.18 -0.91 8.99
N TYR A 181 1.24 -1.68 7.91
CA TYR A 181 0.11 -1.67 6.96
C TYR A 181 -1.20 -2.12 7.65
N PRO A 182 -1.20 -3.30 8.30
CA PRO A 182 -2.43 -3.72 8.99
C PRO A 182 -2.81 -2.70 10.07
N GLU A 183 -1.84 -2.08 10.72
CA GLU A 183 -2.18 -1.09 11.75
C GLU A 183 -2.91 0.10 11.13
N VAL A 184 -2.39 0.62 10.03
CA VAL A 184 -3.07 1.72 9.34
C VAL A 184 -4.47 1.28 8.91
N LEU A 185 -4.59 0.07 8.35
CA LEU A 185 -5.92 -0.43 8.01
C LEU A 185 -6.84 -0.41 9.24
N SER A 186 -6.30 -0.75 10.42
CA SER A 186 -7.14 -0.70 11.62
C SER A 186 -7.62 0.72 11.93
N TRP A 187 -6.78 1.72 11.66
CA TRP A 187 -7.21 3.12 11.87
C TRP A 187 -8.39 3.47 10.98
N PHE A 188 -8.32 3.08 9.71
CA PHE A 188 -9.44 3.31 8.81
C PHE A 188 -10.69 2.58 9.26
N ALA A 189 -10.54 1.32 9.67
CA ALA A 189 -11.70 0.52 10.07
C ALA A 189 -12.40 1.17 11.26
N ALA A 190 -11.63 1.85 12.12
CA ALA A 190 -12.17 2.48 13.33
C ALA A 190 -12.63 3.90 13.09
N GLY A 191 -12.54 4.36 11.83
CA GLY A 191 -12.96 5.69 11.47
C GLY A 191 -12.10 6.79 12.10
N ARG A 192 -10.79 6.58 12.13
CA ARG A 192 -9.89 7.50 12.83
C ARG A 192 -9.22 8.47 11.87
N LEU A 193 -9.27 8.18 10.57
CA LEU A 193 -8.49 8.98 9.60
C LEU A 193 -9.34 9.86 8.68
N ASN A 194 -8.80 11.03 8.37
CA ASN A 194 -9.39 11.89 7.34
C ASN A 194 -8.31 12.54 6.54
N TYR A 195 -8.63 12.78 5.27
CA TYR A 195 -7.78 13.53 4.38
C TYR A 195 -8.52 14.79 3.97
N HIS A 196 -7.93 15.94 4.30
CA HIS A 196 -8.58 17.22 4.04
C HIS A 196 -7.56 18.32 3.78
N ASN A 197 -7.76 19.05 2.68
CA ASN A 197 -6.91 20.19 2.34
C ASN A 197 -5.42 19.89 2.46
N ASN A 198 -4.98 18.87 1.75
CA ASN A 198 -3.57 18.46 1.68
C ASN A 198 -3.02 18.03 3.04
N GLN A 199 -3.91 17.66 3.95
CA GLN A 199 -3.47 17.28 5.29
C GLN A 199 -4.13 15.98 5.74
N VAL A 200 -3.41 15.18 6.52
CA VAL A 200 -3.98 13.97 7.11
C VAL A 200 -4.29 14.18 8.58
N PHE A 201 -5.49 13.78 9.00
CA PHE A 201 -5.92 13.90 10.38
C PHE A 201 -6.13 12.53 11.00
N LEU A 202 -5.68 12.39 12.26
CA LEU A 202 -5.86 11.16 13.02
C LEU A 202 -6.62 11.52 14.30
N ASP A 203 -7.79 10.94 14.50
CA ASP A 203 -8.66 11.32 15.62
C ASP A 203 -8.95 12.83 15.62
N GLY A 204 -9.11 13.42 14.44
CA GLY A 204 -9.46 14.83 14.32
C GLY A 204 -8.31 15.81 14.49
N LYS A 205 -7.09 15.31 14.64
CA LYS A 205 -5.91 16.16 14.83
C LYS A 205 -4.94 16.04 13.67
N PRO A 206 -4.39 17.17 13.21
CA PRO A 206 -3.45 17.13 12.09
C PRO A 206 -2.19 16.32 12.44
N LEU A 207 -1.82 15.37 11.60
CA LEU A 207 -0.54 14.71 11.73
C LEU A 207 0.58 15.59 11.19
N ALA A 208 1.80 15.34 11.66
CA ALA A 208 2.97 15.95 11.04
C ALA A 208 3.06 15.51 9.58
N LYS A 209 3.76 16.30 8.76
CA LYS A 209 3.88 16.03 7.34
C LYS A 209 4.41 14.61 7.11
N SER A 210 5.24 14.15 8.04
CA SER A 210 5.86 12.83 7.91
C SER A 210 4.92 11.70 8.36
N GLY A 211 3.69 12.06 8.74
CA GLY A 211 2.73 11.10 9.27
C GLY A 211 3.00 10.69 10.71
N HIS A 212 2.20 9.77 11.24
CA HIS A 212 2.45 9.27 12.58
C HIS A 212 3.74 8.43 12.60
N ALA A 213 4.62 8.73 13.54
CA ALA A 213 5.95 8.12 13.56
C ALA A 213 6.06 6.91 14.51
N PHE A 214 6.76 5.88 14.04
CA PHE A 214 7.23 4.79 14.88
C PHE A 214 8.74 4.68 14.62
N PRO A 215 9.55 4.47 15.68
CA PRO A 215 9.13 4.39 17.09
C PRO A 215 8.74 5.76 17.63
#